data_2CA4
#
_entry.id   2CA4
#
_cell.length_a   96.445
_cell.length_b   92.799
_cell.length_c   55.817
_cell.angle_alpha   90.00
_cell.angle_beta   90.00
_cell.angle_gamma   90.00
#
_symmetry.space_group_name_H-M   'P 21 21 2'
#
loop_
_entity.id
_entity.type
_entity.pdbx_description
1 polymer 'SULFITE\:CYTOCHROME C OXIDOREDUCTASE SUBUNIT A'
2 polymer 'SULFITE\:CYTOCHROME C OXIDOREDUCTASE SUBUNIT B'
3 non-polymer (MOLYBDOPTERIN-S,S)-OXO-MOLYBDENUM
4 non-polymer 'HEME C'
5 water water
#
loop_
_entity_poly.entity_id
_entity_poly.type
_entity_poly.pdbx_seq_one_letter_code
_entity_poly.pdbx_strand_id
1 'polypeptide(L)'
;ADTVTLPFANGERPLVMYPGKRPLIGLTARPPQLETPFSVFDEGLITPNDAFFVRYALAGIPLEIDPDAFRLEIKGKVGT
PLSLSLQDLKNDFPASEVVAVNQCSGNSRGFVEPRVGGGQLANGAMGNARWRGVPLKAVLEKAGVQAGAKQVTFGGLDGP
VIPETPDFVKALSIDHATDGEVMLAYSMNGADLPWLNGYPLRLVVPGYYGTYWVKHLNEITVIDKEFDGFWMKTAYRIPD
NACACTEPGKAPTATIPINRFDVRSFITNVENGASVKAGEVPLRGIAFDGGYGITQVSVSADAGKSWTNATLDPGLGKYS
FRGWKAVLPLTKGDHVLMCRATNARGETQPMQATWNPAGYMRNVVEATRVIAA
;
A
2 'polypeptide(L)'
;APLTYELPDETAQLKPAPQPGFEAAQNNCAACHSVDYINTQPPGKGQAFWDAEVQKMIKVYHAPVDEADAKAIADYLAKT
Y
;
B
#
loop_
_chem_comp.id
_chem_comp.type
_chem_comp.name
_chem_comp.formula
HEC non-polymer 'HEME C' 'C34 H34 Fe N4 O4'
MSS non-polymer (MOLYBDOPTERIN-S,S)-OXO-MOLYBDENUM 'C10 H12 Mo N5 O7 P S2'
#
# COMPACT_ATOMS: atom_id res chain seq x y z
N ALA A 1 -21.71 14.23 3.05
CA ALA A 1 -22.68 13.12 3.25
C ALA A 1 -22.14 12.04 4.22
N ASP A 2 -21.73 10.89 3.67
CA ASP A 2 -21.25 9.77 4.47
C ASP A 2 -19.82 9.93 4.96
N THR A 3 -19.60 9.55 6.21
CA THR A 3 -18.27 9.45 6.80
C THR A 3 -18.15 8.14 7.56
N VAL A 4 -16.92 7.69 7.71
CA VAL A 4 -16.59 6.66 8.69
C VAL A 4 -15.54 7.19 9.68
N THR A 5 -15.32 6.45 10.76
CA THR A 5 -14.25 6.76 11.68
C THR A 5 -13.40 5.52 11.85
N LEU A 6 -12.11 5.63 11.51
CA LEU A 6 -11.18 4.52 11.71
C LEU A 6 -10.83 4.47 13.21
N PRO A 7 -10.51 3.27 13.74
CA PRO A 7 -10.32 3.19 15.20
C PRO A 7 -8.91 3.60 15.64
N PHE A 8 -8.50 4.82 15.32
CA PHE A 8 -7.33 5.42 15.92
C PHE A 8 -7.63 6.90 15.98
N ALA A 9 -6.79 7.67 16.68
CA ALA A 9 -7.03 9.10 16.84
C ALA A 9 -7.02 9.86 15.49
N ASN A 10 -7.93 10.82 15.37
CA ASN A 10 -8.19 11.56 14.12
C ASN A 10 -8.51 10.61 12.97
N GLY A 11 -9.48 9.73 13.23
CA GLY A 11 -9.78 8.62 12.32
C GLY A 11 -10.97 8.89 11.42
N GLU A 12 -11.53 10.10 11.48
CA GLU A 12 -12.67 10.45 10.62
C GLU A 12 -12.25 10.55 9.13
N ARG A 13 -13.04 9.95 8.24
CA ARG A 13 -12.79 10.04 6.80
C ARG A 13 -14.10 10.10 6.07
N PRO A 14 -14.13 10.76 4.91
CA PRO A 14 -15.30 10.73 4.05
C PRO A 14 -15.38 9.40 3.32
N LEU A 15 -16.60 8.95 3.04
CA LEU A 15 -16.84 7.87 2.09
C LEU A 15 -17.03 8.53 0.75
N VAL A 16 -16.23 8.12 -0.23
CA VAL A 16 -16.17 8.81 -1.51
C VAL A 16 -16.43 7.83 -2.65
N MET A 17 -17.11 8.28 -3.71
CA MET A 17 -17.36 7.41 -4.84
C MET A 17 -16.64 7.85 -6.13
N TYR A 18 -15.79 6.96 -6.63
CA TYR A 18 -14.99 7.21 -7.83
C TYR A 18 -15.56 6.35 -8.98
N PRO A 19 -15.41 6.82 -10.23
CA PRO A 19 -16.00 6.05 -11.35
C PRO A 19 -15.49 4.60 -11.34
N GLY A 20 -16.40 3.66 -11.52
CA GLY A 20 -16.06 2.24 -11.46
C GLY A 20 -15.77 1.64 -10.07
N LYS A 21 -15.85 2.47 -9.02
CA LYS A 21 -15.63 2.03 -7.63
C LYS A 21 -16.91 2.13 -6.79
N ARG A 22 -17.09 1.22 -5.84
CA ARG A 22 -18.10 1.42 -4.79
C ARG A 22 -17.64 2.55 -3.85
N PRO A 23 -18.48 2.97 -2.88
CA PRO A 23 -17.93 3.99 -1.95
C PRO A 23 -16.73 3.46 -1.15
N LEU A 24 -15.68 4.27 -1.03
CA LEU A 24 -14.48 3.82 -0.33
C LEU A 24 -14.07 4.88 0.66
N ILE A 25 -13.09 4.56 1.50
CA ILE A 25 -12.61 5.48 2.51
C ILE A 25 -11.62 6.45 1.84
N GLY A 26 -11.98 7.74 1.76
CA GLY A 26 -11.12 8.71 1.08
C GLY A 26 -10.01 9.16 2.01
N LEU A 27 -8.76 8.88 1.65
CA LEU A 27 -7.63 9.41 2.42
C LEU A 27 -7.20 10.79 1.88
N THR A 28 -6.90 10.82 0.58
CA THR A 28 -6.58 12.05 -0.11
C THR A 28 -7.25 12.09 -1.48
N ALA A 29 -7.57 13.30 -1.92
CA ALA A 29 -8.23 13.54 -3.18
C ALA A 29 -7.23 13.83 -4.32
N ARG A 30 -6.08 14.44 -4.00
CA ARG A 30 -5.11 14.80 -5.04
C ARG A 30 -3.66 14.54 -4.58
N PRO A 31 -3.06 13.41 -5.03
CA PRO A 31 -3.62 12.32 -5.84
C PRO A 31 -4.63 11.50 -5.06
N PRO A 32 -5.48 10.73 -5.77
CA PRO A 32 -6.49 9.94 -5.10
C PRO A 32 -5.86 8.81 -4.31
N GLN A 33 -6.34 8.67 -3.08
CA GLN A 33 -5.92 7.57 -2.24
C GLN A 33 -7.12 7.08 -1.46
N LEU A 34 -7.42 5.81 -1.67
CA LEU A 34 -8.65 5.19 -1.19
C LEU A 34 -8.27 3.92 -0.47
N GLU A 35 -8.87 3.75 0.71
CA GLU A 35 -8.68 2.57 1.53
C GLU A 35 -9.98 1.74 1.48
N THR A 36 -9.84 0.43 1.59
CA THR A 36 -10.98 -0.49 1.61
C THR A 36 -11.60 -0.65 3.01
N PRO A 37 -12.93 -0.52 3.12
CA PRO A 37 -13.54 -0.81 4.42
C PRO A 37 -13.27 -2.28 4.82
N PHE A 38 -12.89 -2.47 6.08
CA PHE A 38 -12.57 -3.80 6.56
C PHE A 38 -13.63 -4.86 6.26
N SER A 39 -14.90 -4.49 6.27
CA SER A 39 -15.99 -5.44 6.03
C SER A 39 -15.86 -6.18 4.69
N VAL A 40 -15.19 -5.54 3.74
CA VAL A 40 -15.00 -6.13 2.41
C VAL A 40 -14.21 -7.44 2.44
N PHE A 41 -13.31 -7.59 3.39
CA PHE A 41 -12.46 -8.77 3.43
C PHE A 41 -13.22 -10.02 3.93
N ASP A 42 -14.40 -9.82 4.52
CA ASP A 42 -15.29 -10.91 4.86
C ASP A 42 -16.25 -11.30 3.73
N GLU A 43 -16.19 -10.61 2.59
CA GLU A 43 -17.10 -10.90 1.47
C GLU A 43 -16.65 -12.05 0.57
N GLY A 44 -15.36 -12.40 0.63
CA GLY A 44 -14.81 -13.46 -0.22
C GLY A 44 -13.29 -13.37 -0.30
N LEU A 45 -12.62 -14.31 -0.98
CA LEU A 45 -11.15 -14.37 -0.97
C LEU A 45 -10.44 -13.41 -1.91
N ILE A 46 -11.08 -13.14 -3.03
CA ILE A 46 -10.60 -12.22 -4.04
C ILE A 46 -11.31 -10.87 -3.84
N THR A 47 -10.52 -9.82 -3.70
CA THR A 47 -11.02 -8.46 -3.51
C THR A 47 -11.58 -7.93 -4.84
N PRO A 48 -12.86 -7.51 -4.86
CA PRO A 48 -13.45 -6.99 -6.11
C PRO A 48 -12.75 -5.72 -6.62
N ASN A 49 -12.69 -5.60 -7.94
CA ASN A 49 -12.09 -4.44 -8.61
C ASN A 49 -12.65 -3.12 -8.11
N ASP A 50 -13.96 -3.11 -7.83
CA ASP A 50 -14.64 -1.90 -7.42
C ASP A 50 -14.38 -1.57 -5.95
N ALA A 51 -13.77 -2.50 -5.21
CA ALA A 51 -13.40 -2.29 -3.81
C ALA A 51 -11.88 -2.10 -3.62
N PHE A 52 -11.08 -2.34 -4.68
CA PHE A 52 -9.62 -2.39 -4.53
C PHE A 52 -9.02 -1.04 -4.16
N PHE A 53 -8.06 -1.05 -3.23
CA PHE A 53 -7.51 0.19 -2.67
C PHE A 53 -6.63 0.90 -3.66
N VAL A 54 -6.46 2.21 -3.45
CA VAL A 54 -5.69 3.05 -4.36
C VAL A 54 -4.65 3.86 -3.59
N ARG A 55 -3.40 3.75 -4.01
CA ARG A 55 -2.32 4.58 -3.45
C ARG A 55 -1.47 5.16 -4.61
N TYR A 56 -1.13 6.44 -4.50
CA TYR A 56 -0.33 7.16 -5.47
C TYR A 56 0.58 8.17 -4.73
N ALA A 57 1.79 8.39 -5.22
CA ALA A 57 2.72 9.36 -4.60
C ALA A 57 2.54 10.79 -5.10
N LEU A 58 2.21 10.94 -6.38
CA LEU A 58 2.25 12.25 -7.02
C LEU A 58 0.93 12.59 -7.70
N ALA A 59 0.56 13.87 -7.67
CA ALA A 59 -0.74 14.31 -8.20
C ALA A 59 -0.90 14.25 -9.72
N GLY A 60 0.20 14.29 -10.46
CA GLY A 60 0.11 14.21 -11.91
C GLY A 60 -0.21 12.83 -12.46
N ILE A 61 -1.33 12.24 -12.03
CA ILE A 61 -1.77 10.94 -12.56
C ILE A 61 -2.36 11.13 -13.97
N PRO A 62 -2.23 10.12 -14.87
CA PRO A 62 -2.87 10.32 -16.19
C PRO A 62 -4.39 10.35 -16.10
N LEU A 63 -5.05 11.22 -16.86
CA LEU A 63 -6.52 11.23 -16.85
C LEU A 63 -7.18 10.98 -18.23
N GLU A 64 -6.32 10.78 -19.24
CA GLU A 64 -6.73 10.50 -20.61
C GLU A 64 -5.66 9.56 -21.20
N ILE A 65 -6.06 8.38 -21.65
CA ILE A 65 -5.09 7.46 -22.23
C ILE A 65 -5.68 6.87 -23.50
N ASP A 66 -4.89 6.85 -24.56
CA ASP A 66 -5.27 6.16 -25.78
C ASP A 66 -4.56 4.80 -25.82
N PRO A 67 -5.31 3.71 -25.52
CA PRO A 67 -4.69 2.37 -25.42
C PRO A 67 -4.00 1.94 -26.71
N ASP A 68 -4.37 2.55 -27.83
CA ASP A 68 -3.77 2.19 -29.14
C ASP A 68 -2.42 2.83 -29.35
N ALA A 69 -2.26 4.07 -28.88
CA ALA A 69 -0.99 4.78 -28.98
C ALA A 69 0.01 4.38 -27.90
N PHE A 70 -0.49 3.80 -26.79
CA PHE A 70 0.34 3.39 -25.66
C PHE A 70 1.43 2.41 -26.08
N ARG A 71 2.64 2.69 -25.59
CA ARG A 71 3.81 1.87 -25.80
C ARG A 71 4.52 1.68 -24.48
N LEU A 72 4.93 0.44 -24.24
CA LEU A 72 5.90 0.14 -23.23
C LEU A 72 7.29 0.12 -23.87
N GLU A 73 8.18 1.00 -23.41
CA GLU A 73 9.57 1.02 -23.88
C GLU A 73 10.51 0.18 -23.00
N ILE A 74 11.30 -0.67 -23.65
CA ILE A 74 12.32 -1.49 -22.99
C ILE A 74 13.68 -1.07 -23.51
N LYS A 75 14.53 -0.60 -22.60
CA LYS A 75 15.82 -0.02 -23.03
C LYS A 75 16.95 -0.18 -22.02
N GLY A 76 18.11 0.41 -22.33
CA GLY A 76 19.31 0.33 -21.50
C GLY A 76 20.20 -0.83 -21.93
N LYS A 77 20.65 -1.62 -20.95
CA LYS A 77 21.60 -2.70 -21.19
C LYS A 77 20.97 -3.93 -21.78
N VAL A 78 20.36 -3.74 -22.96
CA VAL A 78 19.73 -4.84 -23.72
C VAL A 78 20.25 -4.85 -25.16
N GLY A 79 20.23 -6.00 -25.82
CA GLY A 79 20.69 -6.12 -27.21
C GLY A 79 19.85 -5.33 -28.19
N THR A 80 18.53 -5.45 -28.06
CA THR A 80 17.55 -4.81 -28.92
C THR A 80 16.54 -3.99 -28.09
N PRO A 81 16.58 -2.65 -28.15
CA PRO A 81 15.49 -1.86 -27.59
C PRO A 81 14.11 -2.23 -28.15
N LEU A 82 13.09 -2.26 -27.30
CA LEU A 82 11.76 -2.65 -27.73
C LEU A 82 10.76 -1.54 -27.50
N SER A 83 9.80 -1.42 -28.41
CA SER A 83 8.69 -0.53 -28.20
C SER A 83 7.40 -1.32 -28.44
N LEU A 84 6.74 -1.71 -27.36
CA LEU A 84 5.63 -2.66 -27.43
C LEU A 84 4.27 -2.05 -27.15
N SER A 85 3.33 -2.31 -28.05
CA SER A 85 1.94 -1.96 -27.85
C SER A 85 1.25 -3.00 -26.92
N LEU A 86 0.07 -2.67 -26.41
CA LEU A 86 -0.74 -3.62 -25.65
C LEU A 86 -1.13 -4.86 -26.47
N GLN A 87 -1.43 -4.64 -27.76
CA GLN A 87 -1.69 -5.70 -28.71
C GLN A 87 -0.45 -6.57 -28.92
N ASP A 88 0.74 -5.96 -29.03
CA ASP A 88 2.01 -6.72 -29.01
C ASP A 88 2.10 -7.65 -27.80
N LEU A 89 1.86 -7.07 -26.60
CA LEU A 89 1.95 -7.84 -25.38
C LEU A 89 0.97 -9.00 -25.34
N LYS A 90 -0.24 -8.78 -25.85
CA LYS A 90 -1.27 -9.79 -25.74
C LYS A 90 -1.09 -10.89 -26.78
N ASN A 91 -0.42 -10.58 -27.90
CA ASN A 91 -0.34 -11.51 -29.03
C ASN A 91 1.01 -12.21 -29.18
N ASP A 92 2.09 -11.50 -28.90
CA ASP A 92 3.43 -11.99 -29.17
C ASP A 92 4.09 -12.75 -28.03
N PHE A 93 3.44 -12.75 -26.87
CA PHE A 93 4.02 -13.37 -25.67
C PHE A 93 2.98 -14.29 -25.07
N PRO A 94 3.42 -15.34 -24.35
CA PRO A 94 2.42 -16.16 -23.66
C PRO A 94 1.96 -15.45 -22.38
N ALA A 95 0.68 -15.59 -22.05
CA ALA A 95 0.12 -15.05 -20.81
C ALA A 95 0.36 -15.95 -19.62
N SER A 96 0.58 -15.33 -18.46
CA SER A 96 0.51 -16.07 -17.22
C SER A 96 -0.54 -15.44 -16.29
N GLU A 97 -0.94 -16.17 -15.26
CA GLU A 97 -1.78 -15.64 -14.20
C GLU A 97 -1.24 -15.97 -12.82
N VAL A 98 -1.50 -15.08 -11.89
CA VAL A 98 -1.13 -15.32 -10.51
C VAL A 98 -2.16 -14.62 -9.59
N VAL A 99 -2.67 -15.34 -8.61
CA VAL A 99 -3.48 -14.71 -7.58
C VAL A 99 -2.50 -14.24 -6.50
N ALA A 100 -2.45 -12.92 -6.30
CA ALA A 100 -1.42 -12.32 -5.44
C ALA A 100 -1.99 -11.13 -4.66
N VAL A 101 -1.64 -11.06 -3.38
CA VAL A 101 -1.92 -9.91 -2.51
C VAL A 101 -1.04 -8.73 -2.92
N ASN A 102 -1.68 -7.58 -3.03
CA ASN A 102 -0.99 -6.31 -3.12
C ASN A 102 -1.25 -5.60 -1.79
N GLN A 103 -0.20 -5.26 -1.08
CA GLN A 103 -0.36 -4.52 0.18
C GLN A 103 0.65 -3.39 0.24
N CYS A 104 0.17 -2.21 0.59
CA CYS A 104 1.03 -1.05 0.82
C CYS A 104 2.04 -1.25 1.96
N SER A 105 3.28 -0.83 1.74
CA SER A 105 4.29 -0.66 2.79
C SER A 105 3.70 -0.17 4.11
N GLY A 106 2.83 0.84 4.00
CA GLY A 106 2.27 1.54 5.14
C GLY A 106 0.89 1.09 5.60
N ASN A 107 0.38 0.02 5.02
CA ASN A 107 -0.85 -0.56 5.57
C ASN A 107 -0.80 -0.68 7.10
N SER A 108 -1.86 -0.21 7.76
CA SER A 108 -2.01 -0.27 9.22
C SER A 108 -1.16 0.76 9.97
N ARG A 109 -0.61 1.75 9.25
CA ARG A 109 0.20 2.80 9.90
C ARG A 109 -0.54 3.54 11.00
N GLY A 110 -1.84 3.76 10.84
CA GLY A 110 -2.63 4.41 11.90
C GLY A 110 -2.62 3.71 13.27
N PHE A 111 -2.27 2.42 13.29
CA PHE A 111 -2.19 1.65 14.52
C PHE A 111 -0.84 1.68 15.23
N VAL A 112 0.19 2.15 14.53
CA VAL A 112 1.55 2.28 15.09
C VAL A 112 1.56 3.25 16.29
N GLU A 113 2.23 2.85 17.36
CA GLU A 113 2.35 3.65 18.59
C GLU A 113 3.80 3.71 19.09
N PRO A 114 4.36 4.92 19.26
CA PRO A 114 3.78 6.25 18.97
C PRO A 114 3.44 6.43 17.48
N ARG A 115 2.40 7.20 17.23
CA ARG A 115 1.95 7.53 15.87
C ARG A 115 3.08 8.19 15.08
N VAL A 116 3.12 7.91 13.77
CA VAL A 116 4.13 8.48 12.88
C VAL A 116 3.47 9.17 11.67
N GLY A 117 4.20 10.10 11.03
CA GLY A 117 3.71 10.81 9.84
C GLY A 117 3.62 9.91 8.63
N GLY A 118 2.78 10.28 7.67
CA GLY A 118 2.61 9.48 6.44
C GLY A 118 1.13 9.23 6.21
N GLY A 119 0.80 8.25 5.38
CA GLY A 119 -0.61 7.94 5.10
C GLY A 119 -1.24 7.23 6.27
N GLN A 120 -2.19 7.88 6.93
CA GLN A 120 -2.76 7.31 8.14
C GLN A 120 -3.85 6.29 7.75
N LEU A 121 -3.38 5.08 7.47
CA LEU A 121 -4.19 3.99 6.98
C LEU A 121 -4.62 3.05 8.10
N ALA A 122 -5.85 2.58 8.07
CA ALA A 122 -6.16 1.38 8.87
C ALA A 122 -5.66 0.10 8.11
N ASN A 123 -6.35 -1.02 8.20
CA ASN A 123 -5.84 -2.26 7.58
C ASN A 123 -6.34 -2.49 6.18
N GLY A 124 -6.97 -1.47 5.59
CA GLY A 124 -7.61 -1.62 4.30
C GLY A 124 -6.75 -1.30 3.11
N ALA A 125 -5.45 -1.12 3.30
CA ALA A 125 -4.56 -0.88 2.16
C ALA A 125 -3.84 -2.17 1.73
N MET A 126 -4.65 -3.18 1.42
CA MET A 126 -4.24 -4.49 0.95
C MET A 126 -5.42 -5.03 0.12
N GLY A 127 -5.11 -5.95 -0.78
CA GLY A 127 -6.17 -6.55 -1.56
C GLY A 127 -5.57 -7.74 -2.28
N ASN A 128 -6.42 -8.68 -2.67
CA ASN A 128 -5.98 -9.92 -3.29
C ASN A 128 -6.72 -10.02 -4.62
N ALA A 129 -5.98 -10.19 -5.73
CA ALA A 129 -6.61 -10.23 -7.05
C ALA A 129 -5.93 -11.26 -7.94
N ARG A 130 -6.66 -11.73 -8.94
CA ARG A 130 -6.13 -12.59 -10.00
C ARG A 130 -5.51 -11.66 -11.04
N TRP A 131 -4.19 -11.72 -11.20
CA TRP A 131 -3.50 -10.86 -12.17
C TRP A 131 -3.14 -11.65 -13.42
N ARG A 132 -3.35 -11.08 -14.61
CA ARG A 132 -3.01 -11.75 -15.86
C ARG A 132 -2.15 -10.83 -16.74
N GLY A 133 -1.13 -11.39 -17.38
CA GLY A 133 -0.24 -10.59 -18.19
C GLY A 133 0.94 -11.39 -18.66
N VAL A 134 2.03 -10.71 -18.95
CA VAL A 134 3.22 -11.33 -19.50
C VAL A 134 4.34 -11.36 -18.45
N PRO A 135 4.93 -12.55 -18.21
CA PRO A 135 6.08 -12.55 -17.29
C PRO A 135 7.18 -11.61 -17.82
N LEU A 136 7.63 -10.69 -16.97
CA LEU A 136 8.71 -9.78 -17.34
C LEU A 136 9.91 -10.53 -17.93
N LYS A 137 10.20 -11.71 -17.37
CA LYS A 137 11.24 -12.62 -17.89
C LYS A 137 11.22 -12.74 -19.43
N ALA A 138 10.04 -12.88 -20.01
CA ALA A 138 9.88 -13.15 -21.45
C ALA A 138 10.12 -11.91 -22.32
N VAL A 139 9.71 -10.76 -21.80
CA VAL A 139 9.99 -9.50 -22.47
C VAL A 139 11.50 -9.21 -22.41
N LEU A 140 12.10 -9.43 -21.25
CA LEU A 140 13.52 -9.16 -21.09
C LEU A 140 14.41 -10.10 -21.94
N GLU A 141 14.01 -11.37 -22.07
CA GLU A 141 14.72 -12.34 -22.89
C GLU A 141 14.69 -11.96 -24.37
N LYS A 142 13.52 -11.50 -24.83
CA LYS A 142 13.35 -10.92 -26.18
C LYS A 142 14.26 -9.67 -26.42
N ALA A 143 14.31 -8.76 -25.45
CA ALA A 143 15.23 -7.63 -25.57
C ALA A 143 16.70 -8.11 -25.56
N GLY A 144 16.97 -9.14 -24.77
CA GLY A 144 18.33 -9.68 -24.63
C GLY A 144 19.14 -8.91 -23.59
N VAL A 145 18.99 -9.29 -22.32
CA VAL A 145 19.75 -8.69 -21.22
C VAL A 145 21.28 -8.94 -21.38
N GLN A 146 22.08 -7.88 -21.23
CA GLN A 146 23.53 -8.05 -21.32
C GLN A 146 24.09 -8.53 -19.99
N ALA A 147 25.11 -9.38 -20.05
CA ALA A 147 25.93 -9.66 -18.86
C ALA A 147 26.45 -8.28 -18.39
N GLY A 148 26.54 -8.07 -17.08
CA GLY A 148 26.80 -6.72 -16.61
C GLY A 148 25.58 -6.06 -15.99
N ALA A 149 24.40 -6.27 -16.60
CA ALA A 149 23.11 -5.92 -15.98
C ALA A 149 23.06 -6.23 -14.47
N LYS A 150 22.66 -5.24 -13.67
CA LYS A 150 22.51 -5.40 -12.22
C LYS A 150 21.06 -5.19 -11.76
N GLN A 151 20.40 -4.19 -12.33
CA GLN A 151 19.06 -3.78 -11.90
C GLN A 151 18.18 -3.41 -13.06
N VAL A 152 16.87 -3.42 -12.80
CA VAL A 152 15.87 -2.95 -13.76
C VAL A 152 15.06 -1.85 -13.09
N THR A 153 14.98 -0.69 -13.72
CA THR A 153 14.15 0.41 -13.22
C THR A 153 12.81 0.45 -13.96
N PHE A 154 11.77 0.91 -13.26
CA PHE A 154 10.40 0.93 -13.78
C PHE A 154 9.77 2.30 -13.54
N GLY A 155 9.22 2.89 -14.60
CA GLY A 155 8.58 4.21 -14.53
C GLY A 155 7.23 4.16 -15.23
N GLY A 156 6.32 5.03 -14.81
CA GLY A 156 4.98 5.11 -15.41
C GLY A 156 4.61 6.48 -15.95
N LEU A 157 3.34 6.64 -16.34
CA LEU A 157 2.85 7.84 -16.99
C LEU A 157 2.65 9.01 -16.02
N ASP A 158 2.48 8.72 -14.74
CA ASP A 158 2.29 9.76 -13.75
C ASP A 158 3.57 10.57 -13.56
N GLY A 159 3.44 11.77 -13.00
CA GLY A 159 4.57 12.65 -12.90
C GLY A 159 4.26 13.65 -11.82
N PRO A 160 5.32 14.34 -11.34
CA PRO A 160 5.20 15.39 -10.34
C PRO A 160 4.61 16.65 -10.95
N VAL A 161 3.80 17.37 -10.18
CA VAL A 161 3.23 18.66 -10.59
C VAL A 161 4.34 19.71 -10.86
N ILE A 162 5.37 19.67 -10.03
CA ILE A 162 6.52 20.56 -10.13
C ILE A 162 7.74 19.71 -10.51
N PRO A 163 8.35 20.02 -11.68
CA PRO A 163 9.42 19.20 -12.29
C PRO A 163 10.59 18.87 -11.36
N GLU A 164 10.88 19.71 -10.38
CA GLU A 164 11.97 19.46 -9.44
C GLU A 164 11.71 18.27 -8.50
N THR A 165 10.43 17.99 -8.22
CA THR A 165 10.06 16.86 -7.36
C THR A 165 10.49 15.58 -8.09
N PRO A 166 11.08 14.61 -7.36
CA PRO A 166 11.53 13.34 -7.98
C PRO A 166 10.38 12.51 -8.53
N ASP A 167 10.50 12.14 -9.78
CA ASP A 167 9.49 11.34 -10.48
C ASP A 167 9.51 9.92 -9.89
N PHE A 168 8.35 9.28 -9.85
CA PHE A 168 8.20 7.99 -9.20
C PHE A 168 8.78 6.84 -10.05
N VAL A 169 9.97 6.40 -9.66
CA VAL A 169 10.70 5.33 -10.37
C VAL A 169 11.24 4.35 -9.34
N LYS A 170 11.02 3.08 -9.60
CA LYS A 170 11.39 1.99 -8.72
C LYS A 170 12.37 1.09 -9.41
N ALA A 171 13.07 0.27 -8.62
CA ALA A 171 14.04 -0.68 -9.13
C ALA A 171 13.91 -2.05 -8.50
N LEU A 172 14.09 -3.07 -9.31
CA LEU A 172 14.30 -4.46 -8.86
C LEU A 172 15.71 -4.94 -9.27
N SER A 173 16.24 -5.93 -8.58
CA SER A 173 17.46 -6.57 -9.02
C SER A 173 17.17 -7.39 -10.29
N ILE A 174 18.17 -7.53 -11.16
CA ILE A 174 17.98 -8.24 -12.42
C ILE A 174 17.48 -9.70 -12.23
N ASP A 175 18.05 -10.44 -11.28
CA ASP A 175 17.69 -11.85 -11.07
C ASP A 175 16.27 -11.98 -10.54
N HIS A 176 15.82 -10.98 -9.80
CA HIS A 176 14.41 -10.87 -9.38
C HIS A 176 13.50 -10.57 -10.58
N ALA A 177 13.86 -9.56 -11.37
CA ALA A 177 13.04 -9.20 -12.55
C ALA A 177 12.86 -10.36 -13.57
N THR A 178 13.86 -11.22 -13.67
CA THR A 178 13.85 -12.32 -14.65
C THR A 178 13.42 -13.66 -14.03
N ASP A 179 12.80 -13.60 -12.84
CA ASP A 179 12.42 -14.82 -12.11
C ASP A 179 11.20 -15.59 -12.64
N GLY A 180 10.46 -14.99 -13.57
CA GLY A 180 9.27 -15.66 -14.09
C GLY A 180 7.96 -15.33 -13.40
N GLU A 181 8.02 -14.83 -12.16
CA GLU A 181 6.82 -14.42 -11.40
C GLU A 181 6.50 -12.93 -11.54
N VAL A 182 7.52 -12.08 -11.49
CA VAL A 182 7.35 -10.65 -11.77
C VAL A 182 6.67 -10.51 -13.16
N MET A 183 5.56 -9.79 -13.16
CA MET A 183 4.63 -9.80 -14.26
C MET A 183 4.30 -8.38 -14.76
N LEU A 184 4.10 -8.26 -16.06
CA LEU A 184 3.50 -7.08 -16.68
C LEU A 184 1.99 -7.33 -16.81
N ALA A 185 1.21 -6.87 -15.84
CA ALA A 185 -0.22 -7.24 -15.77
C ALA A 185 -1.08 -6.24 -16.54
N TYR A 186 -1.85 -6.75 -17.51
CA TYR A 186 -2.82 -5.95 -18.23
C TYR A 186 -4.24 -6.33 -17.82
N SER A 187 -4.37 -7.31 -16.92
CA SER A 187 -5.70 -7.76 -16.50
C SER A 187 -5.77 -8.00 -14.98
N MET A 188 -6.89 -7.60 -14.39
CA MET A 188 -7.13 -7.79 -12.97
C MET A 188 -8.53 -8.37 -12.82
N ASN A 189 -8.63 -9.51 -12.15
CA ASN A 189 -9.90 -10.26 -11.98
C ASN A 189 -10.69 -10.40 -13.29
N GLY A 190 -9.98 -10.71 -14.38
CA GLY A 190 -10.57 -10.95 -15.69
C GLY A 190 -11.08 -9.74 -16.44
N ALA A 191 -10.74 -8.54 -15.97
CA ALA A 191 -11.14 -7.31 -16.64
C ALA A 191 -9.88 -6.51 -16.87
N ASP A 192 -9.95 -5.48 -17.70
CA ASP A 192 -8.85 -4.51 -17.81
C ASP A 192 -8.61 -3.84 -16.46
N LEU A 193 -7.38 -3.38 -16.21
CA LEU A 193 -7.04 -2.78 -14.91
C LEU A 193 -7.98 -1.61 -14.69
N PRO A 194 -8.62 -1.50 -13.49
CA PRO A 194 -9.29 -0.24 -13.17
C PRO A 194 -8.32 0.94 -13.35
N TRP A 195 -8.83 2.09 -13.77
CA TRP A 195 -7.96 3.25 -13.99
C TRP A 195 -6.95 3.48 -12.85
N LEU A 196 -7.47 3.62 -11.64
CA LEU A 196 -6.65 4.02 -10.47
C LEU A 196 -5.75 2.88 -9.95
N ASN A 197 -5.94 1.70 -10.53
CA ASN A 197 -5.10 0.54 -10.28
C ASN A 197 -4.15 0.32 -11.43
N GLY A 198 -3.96 1.37 -12.24
CA GLY A 198 -2.87 1.40 -13.20
C GLY A 198 -3.12 1.10 -14.69
N TYR A 199 -4.39 1.07 -15.11
CA TYR A 199 -4.73 1.04 -16.55
C TYR A 199 -3.71 1.80 -17.44
N PRO A 200 -3.22 1.16 -18.53
CA PRO A 200 -3.51 -0.18 -19.07
C PRO A 200 -2.57 -1.29 -18.66
N LEU A 201 -1.53 -0.97 -17.90
CA LEU A 201 -0.45 -1.90 -17.64
C LEU A 201 0.22 -1.55 -16.33
N ARG A 202 0.50 -2.57 -15.50
CA ARG A 202 1.24 -2.37 -14.27
C ARG A 202 2.19 -3.52 -14.02
N LEU A 203 3.25 -3.24 -13.26
CA LEU A 203 4.12 -4.25 -12.71
C LEU A 203 3.45 -4.91 -11.49
N VAL A 204 3.51 -6.24 -11.45
CA VAL A 204 3.01 -7.03 -10.32
C VAL A 204 4.24 -7.77 -9.79
N VAL A 205 4.54 -7.58 -8.50
CA VAL A 205 5.74 -8.13 -7.88
C VAL A 205 5.30 -8.98 -6.69
N PRO A 206 4.90 -10.25 -6.95
CA PRO A 206 4.29 -11.09 -5.92
C PRO A 206 5.17 -11.22 -4.68
N GLY A 207 4.54 -11.03 -3.52
CA GLY A 207 5.22 -11.14 -2.25
C GLY A 207 5.99 -9.90 -1.81
N TYR A 208 6.03 -8.88 -2.65
CA TYR A 208 6.67 -7.60 -2.33
C TYR A 208 5.66 -6.49 -2.07
N TYR A 209 6.03 -5.59 -1.17
CA TYR A 209 5.19 -4.46 -0.81
C TYR A 209 4.85 -3.62 -2.04
N GLY A 210 3.67 -2.98 -2.02
CA GLY A 210 3.03 -2.34 -3.19
C GLY A 210 3.84 -1.28 -3.91
N THR A 211 4.76 -0.63 -3.20
CA THR A 211 5.59 0.40 -3.80
C THR A 211 6.25 -0.03 -5.13
N TYR A 212 6.62 -1.30 -5.24
CA TYR A 212 7.24 -1.83 -6.47
C TYR A 212 6.26 -2.06 -7.64
N TRP A 213 4.96 -2.11 -7.35
CA TRP A 213 3.98 -2.50 -8.37
C TRP A 213 3.62 -1.27 -9.22
N VAL A 214 4.56 -0.84 -10.06
CA VAL A 214 4.44 0.43 -10.76
C VAL A 214 3.26 0.41 -11.72
N LYS A 215 2.38 1.41 -11.60
CA LYS A 215 1.15 1.56 -12.38
C LYS A 215 1.39 2.41 -13.61
N HIS A 216 0.55 2.23 -14.64
CA HIS A 216 0.64 3.01 -15.89
C HIS A 216 2.05 2.86 -16.48
N LEU A 217 2.58 1.65 -16.33
CA LEU A 217 3.97 1.33 -16.61
C LEU A 217 4.34 1.47 -18.09
N ASN A 218 5.25 2.39 -18.39
CA ASN A 218 5.58 2.62 -19.77
C ASN A 218 7.09 2.59 -20.11
N GLU A 219 7.94 2.48 -19.09
CA GLU A 219 9.38 2.60 -19.27
C GLU A 219 10.16 1.64 -18.38
N ILE A 220 10.84 0.70 -19.01
CA ILE A 220 11.67 -0.30 -18.37
C ILE A 220 13.13 -0.14 -18.83
N THR A 221 14.04 0.10 -17.88
CA THR A 221 15.47 0.34 -18.17
C THR A 221 16.36 -0.66 -17.45
N VAL A 222 17.11 -1.46 -18.22
CA VAL A 222 18.11 -2.35 -17.70
C VAL A 222 19.43 -1.56 -17.51
N ILE A 223 19.95 -1.56 -16.29
CA ILE A 223 21.12 -0.76 -15.94
C ILE A 223 22.20 -1.65 -15.33
N ASP A 224 23.44 -1.21 -15.40
CA ASP A 224 24.54 -2.01 -14.88
C ASP A 224 25.16 -1.43 -13.59
N LYS A 225 24.35 -0.68 -12.86
CA LYS A 225 24.73 -0.08 -11.60
C LYS A 225 23.55 -0.19 -10.63
N GLU A 226 23.75 0.28 -9.41
CA GLU A 226 22.67 0.43 -8.44
C GLU A 226 21.91 1.72 -8.76
N PHE A 227 20.58 1.65 -8.76
CA PHE A 227 19.76 2.82 -9.03
C PHE A 227 19.68 3.68 -7.77
N ASP A 228 20.02 4.95 -7.88
CA ASP A 228 20.00 5.81 -6.70
C ASP A 228 18.93 6.89 -6.77
N GLY A 229 17.85 6.61 -7.49
CA GLY A 229 16.70 7.48 -7.46
C GLY A 229 16.16 7.57 -6.04
N PHE A 230 15.55 8.73 -5.73
CA PHE A 230 14.96 9.03 -4.44
C PHE A 230 13.97 7.97 -3.89
N TRP A 231 13.12 7.41 -4.73
CA TRP A 231 12.09 6.47 -4.21
C TRP A 231 12.65 5.07 -3.85
N MET A 232 13.93 4.86 -4.19
CA MET A 232 14.69 3.69 -3.77
C MET A 232 15.69 4.02 -2.65
N LYS A 233 16.37 5.15 -2.78
CA LYS A 233 17.53 5.50 -1.95
C LYS A 233 17.13 6.16 -0.63
N THR A 234 16.03 6.90 -0.64
CA THR A 234 15.60 7.71 0.51
C THR A 234 14.24 7.29 1.07
N ALA A 235 13.24 7.15 0.19
CA ALA A 235 11.90 6.71 0.57
C ALA A 235 11.87 5.19 0.70
N TYR A 236 10.86 4.67 1.39
CA TYR A 236 10.59 3.21 1.48
C TYR A 236 11.71 2.38 2.07
N ARG A 237 12.42 2.97 3.04
CA ARG A 237 13.48 2.27 3.70
C ARG A 237 13.01 1.70 5.03
N ILE A 238 13.47 0.49 5.34
CA ILE A 238 13.27 -0.13 6.66
C ILE A 238 14.61 -0.32 7.40
N PRO A 239 14.57 -0.45 8.74
CA PRO A 239 15.76 -0.79 9.52
C PRO A 239 16.39 -2.09 9.02
N ASP A 240 17.72 -2.10 8.85
CA ASP A 240 18.45 -3.25 8.31
C ASP A 240 18.74 -4.30 9.42
N ASN A 241 17.69 -5.03 9.80
CA ASN A 241 17.70 -6.02 10.89
C ASN A 241 16.47 -6.95 10.80
N ALA A 242 16.45 -8.01 11.63
CA ALA A 242 15.47 -9.09 11.55
C ALA A 242 14.04 -8.71 11.90
N CYS A 243 13.85 -7.71 12.75
CA CYS A 243 12.51 -7.26 13.09
C CYS A 243 12.05 -6.07 12.25
N ALA A 244 12.92 -5.60 11.32
CA ALA A 244 12.72 -4.33 10.59
C ALA A 244 12.21 -3.24 11.54
N CYS A 245 12.91 -3.06 12.66
CA CYS A 245 12.35 -2.26 13.74
C CYS A 245 13.42 -1.58 14.61
N THR A 246 13.01 -0.55 15.35
CA THR A 246 13.85 0.17 16.29
C THR A 246 13.00 0.45 17.52
N GLU A 247 13.67 0.90 18.58
CA GLU A 247 13.04 1.37 19.80
C GLU A 247 12.19 2.60 19.44
N PRO A 248 10.91 2.63 19.88
CA PRO A 248 10.02 3.78 19.68
C PRO A 248 10.72 5.14 19.84
N GLY A 249 10.69 5.94 18.79
CA GLY A 249 11.35 7.22 18.79
C GLY A 249 12.76 7.23 18.20
N LYS A 250 13.33 6.05 17.94
CA LYS A 250 14.72 5.98 17.46
C LYS A 250 14.84 5.69 15.96
N ALA A 251 15.69 6.45 15.30
CA ALA A 251 16.09 6.19 13.92
C ALA A 251 17.03 4.97 13.85
N PRO A 252 16.93 4.18 12.76
CA PRO A 252 17.89 3.07 12.60
C PRO A 252 19.30 3.57 12.19
N THR A 253 20.31 2.77 12.50
CA THR A 253 21.69 3.11 12.15
C THR A 253 21.96 2.71 10.70
N ALA A 254 21.32 1.63 10.25
CA ALA A 254 21.40 1.15 8.86
C ALA A 254 20.02 0.83 8.31
N THR A 255 19.81 1.10 7.02
CA THR A 255 18.53 0.78 6.38
C THR A 255 18.73 0.02 5.08
N ILE A 256 17.66 -0.61 4.60
CA ILE A 256 17.64 -1.26 3.29
C ILE A 256 16.26 -0.94 2.70
N PRO A 257 16.11 -1.05 1.36
CA PRO A 257 14.74 -0.92 0.79
C PRO A 257 13.79 -1.96 1.39
N ILE A 258 12.54 -1.56 1.63
CA ILE A 258 11.48 -2.52 1.96
C ILE A 258 11.47 -3.59 0.86
N ASN A 259 11.11 -4.80 1.20
CA ASN A 259 11.10 -5.87 0.23
C ASN A 259 9.85 -6.74 0.39
N ARG A 260 10.04 -7.93 0.96
CA ARG A 260 9.01 -8.95 1.02
C ARG A 260 8.10 -8.79 2.23
N PHE A 261 6.82 -9.11 2.04
CA PHE A 261 5.84 -9.14 3.14
C PHE A 261 6.33 -9.98 4.30
N ASP A 262 6.00 -9.55 5.51
CA ASP A 262 5.97 -10.42 6.66
C ASP A 262 4.58 -11.07 6.77
N VAL A 263 4.47 -12.10 7.61
CA VAL A 263 3.25 -12.87 7.87
C VAL A 263 2.15 -12.08 8.59
N ARG A 264 0.96 -12.07 8.00
CA ARG A 264 -0.19 -11.43 8.61
C ARG A 264 -1.38 -12.38 8.65
N SER A 265 -2.32 -12.09 9.53
CA SER A 265 -3.59 -12.78 9.57
C SER A 265 -4.61 -11.84 10.21
N PHE A 266 -5.88 -12.04 9.84
CA PHE A 266 -7.01 -11.28 10.40
C PHE A 266 -8.23 -12.19 10.62
N ILE A 267 -9.07 -11.80 11.57
CA ILE A 267 -10.41 -12.37 11.75
C ILE A 267 -11.32 -11.43 11.02
N THR A 268 -12.07 -11.95 10.03
CA THR A 268 -12.90 -11.09 9.19
C THR A 268 -14.39 -11.12 9.53
N ASN A 269 -14.89 -12.19 10.15
CA ASN A 269 -16.35 -12.26 10.35
C ASN A 269 -16.87 -11.56 11.62
N VAL A 270 -15.97 -11.17 12.51
CA VAL A 270 -16.34 -10.33 13.67
C VAL A 270 -15.42 -9.12 13.82
N GLU A 271 -15.95 -8.03 14.38
CA GLU A 271 -15.19 -6.80 14.65
C GLU A 271 -15.39 -6.40 16.12
N ASN A 272 -14.68 -5.36 16.57
CA ASN A 272 -14.69 -5.02 18.00
C ASN A 272 -16.11 -4.87 18.56
N GLY A 273 -16.37 -5.53 19.68
CA GLY A 273 -17.64 -5.41 20.39
C GLY A 273 -18.79 -6.18 19.75
N ALA A 274 -18.50 -7.00 18.75
CA ALA A 274 -19.53 -7.83 18.11
C ALA A 274 -20.22 -8.74 19.12
N SER A 275 -21.50 -9.02 18.90
CA SER A 275 -22.17 -10.01 19.73
C SER A 275 -22.16 -11.36 19.04
N VAL A 276 -21.82 -12.39 19.82
CA VAL A 276 -21.84 -13.78 19.35
C VAL A 276 -22.62 -14.63 20.35
N LYS A 277 -22.98 -15.83 19.93
CA LYS A 277 -23.77 -16.69 20.78
C LYS A 277 -22.81 -17.58 21.56
N ALA A 278 -22.87 -17.50 22.88
CA ALA A 278 -22.08 -18.38 23.75
C ALA A 278 -22.29 -19.85 23.38
N GLY A 279 -21.19 -20.59 23.31
CA GLY A 279 -21.19 -21.97 22.86
C GLY A 279 -20.12 -22.11 21.79
N GLU A 280 -20.41 -22.91 20.77
CA GLU A 280 -19.57 -23.00 19.59
C GLU A 280 -19.68 -21.72 18.75
N VAL A 281 -18.65 -20.89 18.78
CA VAL A 281 -18.60 -19.67 17.97
C VAL A 281 -17.74 -19.87 16.70
N PRO A 282 -18.37 -19.77 15.51
CA PRO A 282 -17.64 -19.93 14.27
C PRO A 282 -16.92 -18.64 13.85
N LEU A 283 -15.60 -18.76 13.70
CA LEU A 283 -14.73 -17.68 13.24
C LEU A 283 -14.13 -18.03 11.90
N ARG A 284 -13.81 -17.01 11.11
CA ARG A 284 -13.13 -17.20 9.86
C ARG A 284 -12.31 -15.95 9.58
N GLY A 285 -11.34 -16.07 8.68
CA GLY A 285 -10.59 -14.91 8.24
C GLY A 285 -9.56 -15.30 7.21
N ILE A 286 -8.47 -14.53 7.17
CA ILE A 286 -7.49 -14.65 6.12
C ILE A 286 -6.09 -14.58 6.70
N ALA A 287 -5.15 -15.17 5.97
CA ALA A 287 -3.75 -15.03 6.28
C ALA A 287 -2.94 -14.96 5.00
N PHE A 288 -1.78 -14.30 5.05
CA PHE A 288 -0.87 -14.22 3.90
C PHE A 288 0.57 -13.94 4.36
N ASP A 289 1.51 -14.20 3.47
CA ASP A 289 2.91 -13.92 3.74
C ASP A 289 3.57 -13.54 2.44
N GLY A 290 4.90 -13.63 2.40
CA GLY A 290 5.66 -13.29 1.18
C GLY A 290 5.87 -14.36 0.11
N GLY A 291 5.04 -15.39 0.11
CA GLY A 291 5.09 -16.40 -0.95
C GLY A 291 5.64 -17.77 -0.58
N TYR A 292 5.83 -18.04 0.72
CA TYR A 292 6.30 -19.35 1.21
C TYR A 292 5.17 -20.30 1.56
N GLY A 293 3.97 -19.76 1.72
CA GLY A 293 2.79 -20.54 2.05
C GLY A 293 2.48 -20.46 3.52
N ILE A 294 1.20 -20.40 3.85
CA ILE A 294 0.75 -20.45 5.22
C ILE A 294 0.75 -21.91 5.65
N THR A 295 1.40 -22.19 6.79
CA THR A 295 1.50 -23.53 7.33
C THR A 295 0.39 -23.75 8.35
N GLN A 296 0.06 -22.73 9.12
CA GLN A 296 -1.05 -22.83 10.05
C GLN A 296 -1.48 -21.49 10.61
N VAL A 297 -2.72 -21.48 11.08
CA VAL A 297 -3.27 -20.31 11.71
C VAL A 297 -3.85 -20.80 13.02
N SER A 298 -3.41 -20.19 14.12
CA SER A 298 -3.95 -20.53 15.44
C SER A 298 -4.85 -19.42 15.93
N VAL A 299 -5.87 -19.81 16.68
CA VAL A 299 -6.86 -18.88 17.18
C VAL A 299 -6.92 -18.95 18.73
N SER A 300 -7.21 -17.81 19.36
CA SER A 300 -7.26 -17.72 20.82
C SER A 300 -8.46 -16.93 21.27
N ALA A 301 -9.09 -17.37 22.35
CA ALA A 301 -10.22 -16.67 22.90
C ALA A 301 -9.94 -16.20 24.31
N ASP A 302 -8.71 -16.40 24.77
CA ASP A 302 -8.33 -15.94 26.11
C ASP A 302 -7.08 -15.06 26.00
N ALA A 303 -7.16 -14.11 25.07
CA ALA A 303 -6.11 -13.14 24.83
C ALA A 303 -4.70 -13.75 24.73
N GLY A 304 -4.61 -14.94 24.16
CA GLY A 304 -3.31 -15.55 23.87
C GLY A 304 -2.77 -16.50 24.91
N LYS A 305 -3.58 -16.83 25.91
CA LYS A 305 -3.19 -17.83 26.92
C LYS A 305 -3.17 -19.25 26.35
N SER A 306 -4.20 -19.61 25.59
CA SER A 306 -4.23 -20.88 24.89
C SER A 306 -4.70 -20.72 23.44
N TRP A 307 -4.35 -21.70 22.61
CA TRP A 307 -4.52 -21.66 21.17
C TRP A 307 -5.22 -22.90 20.61
N THR A 308 -6.07 -22.67 19.62
CA THR A 308 -6.72 -23.72 18.86
C THR A 308 -6.24 -23.64 17.41
N ASN A 309 -6.07 -24.80 16.78
CA ASN A 309 -5.71 -24.86 15.38
C ASN A 309 -6.92 -24.57 14.48
N ALA A 310 -6.81 -23.56 13.62
CA ALA A 310 -7.82 -23.31 12.58
C ALA A 310 -7.69 -24.35 11.44
N THR A 311 -8.78 -24.56 10.72
CA THR A 311 -8.76 -25.36 9.50
C THR A 311 -8.50 -24.40 8.34
N LEU A 312 -7.44 -24.63 7.57
CA LEU A 312 -7.12 -23.79 6.41
C LEU A 312 -8.01 -24.14 5.22
N ASP A 313 -8.53 -23.12 4.52
CA ASP A 313 -9.27 -23.34 3.26
C ASP A 313 -8.37 -23.94 2.17
N PRO A 314 -8.98 -24.53 1.13
CA PRO A 314 -8.18 -24.81 -0.05
C PRO A 314 -7.59 -23.50 -0.59
N GLY A 315 -6.31 -23.54 -0.97
CA GLY A 315 -5.60 -22.33 -1.34
C GLY A 315 -5.71 -21.99 -2.81
N LEU A 316 -5.46 -20.72 -3.13
CA LEU A 316 -5.40 -20.26 -4.51
C LEU A 316 -3.98 -20.00 -5.01
N GLY A 317 -2.98 -20.52 -4.31
CA GLY A 317 -1.59 -20.23 -4.64
C GLY A 317 -0.88 -19.58 -3.47
N LYS A 318 0.46 -19.67 -3.45
CA LYS A 318 1.25 -19.23 -2.31
C LYS A 318 1.24 -17.71 -2.05
N TYR A 319 0.84 -16.93 -3.07
CA TYR A 319 0.83 -15.47 -2.98
C TYR A 319 -0.54 -14.88 -2.63
N SER A 320 -1.55 -15.75 -2.57
CA SER A 320 -2.93 -15.34 -2.38
C SER A 320 -3.23 -15.19 -0.88
N PHE A 321 -4.30 -14.46 -0.50
CA PHE A 321 -4.93 -14.63 0.81
C PHE A 321 -5.22 -16.13 0.96
N ARG A 322 -4.88 -16.69 2.12
CA ARG A 322 -5.26 -18.04 2.52
C ARG A 322 -6.41 -17.92 3.52
N GLY A 323 -7.57 -18.47 3.18
CA GLY A 323 -8.70 -18.46 4.11
C GLY A 323 -8.52 -19.48 5.23
N TRP A 324 -9.18 -19.23 6.36
CA TRP A 324 -9.18 -20.15 7.49
C TRP A 324 -10.52 -20.08 8.23
N LYS A 325 -10.83 -21.15 8.96
CA LYS A 325 -12.06 -21.25 9.73
C LYS A 325 -11.78 -21.98 11.04
N ALA A 326 -12.47 -21.58 12.10
CA ALA A 326 -12.30 -22.21 13.40
C ALA A 326 -13.62 -22.13 14.14
N VAL A 327 -13.84 -23.07 15.05
CA VAL A 327 -15.00 -22.99 15.94
C VAL A 327 -14.45 -23.04 17.35
N LEU A 328 -14.74 -22.00 18.13
CA LEU A 328 -14.23 -21.88 19.50
C LEU A 328 -15.35 -21.91 20.53
N PRO A 329 -15.20 -22.77 21.56
CA PRO A 329 -16.12 -22.71 22.72
C PRO A 329 -15.94 -21.41 23.53
N LEU A 330 -16.99 -20.61 23.60
CA LEU A 330 -16.97 -19.36 24.34
C LEU A 330 -18.06 -19.38 25.39
N THR A 331 -17.65 -19.21 26.65
CA THR A 331 -18.58 -19.02 27.76
C THR A 331 -19.18 -17.63 27.62
N LYS A 332 -20.29 -17.37 28.33
CA LYS A 332 -20.91 -16.05 28.33
C LYS A 332 -19.96 -15.00 28.92
N GLY A 333 -20.04 -13.77 28.41
CA GLY A 333 -19.16 -12.69 28.83
C GLY A 333 -18.20 -12.15 27.78
N ASP A 334 -17.15 -11.49 28.26
CA ASP A 334 -16.17 -10.83 27.39
C ASP A 334 -15.06 -11.77 26.94
N HIS A 335 -14.67 -11.66 25.68
CA HIS A 335 -13.53 -12.45 25.18
C HIS A 335 -12.68 -11.66 24.22
N VAL A 336 -11.37 -11.77 24.39
CA VAL A 336 -10.44 -11.16 23.46
C VAL A 336 -9.92 -12.23 22.54
N LEU A 337 -10.41 -12.21 21.30
CA LEU A 337 -10.05 -13.17 20.28
C LEU A 337 -8.79 -12.74 19.53
N MET A 338 -7.90 -13.69 19.30
CA MET A 338 -6.71 -13.45 18.52
C MET A 338 -6.48 -14.53 17.47
N CYS A 339 -5.81 -14.15 16.39
CA CYS A 339 -5.30 -15.15 15.46
C CYS A 339 -3.83 -14.88 15.13
N ARG A 340 -3.10 -15.95 14.91
CA ARG A 340 -1.68 -15.88 14.65
C ARG A 340 -1.32 -16.94 13.58
N ALA A 341 -0.60 -16.50 12.54
CA ALA A 341 -0.26 -17.36 11.42
C ALA A 341 1.23 -17.63 11.40
N THR A 342 1.62 -18.80 10.90
CA THR A 342 3.03 -19.03 10.63
C THR A 342 3.16 -19.63 9.23
N ASN A 343 4.33 -19.43 8.60
CA ASN A 343 4.56 -19.85 7.23
C ASN A 343 5.59 -20.98 7.11
N ALA A 344 5.74 -21.47 5.89
CA ALA A 344 6.55 -22.66 5.64
C ALA A 344 8.04 -22.47 5.93
N ARG A 345 8.53 -21.23 6.00
CA ARG A 345 9.92 -21.01 6.47
C ARG A 345 10.01 -20.60 7.94
N GLY A 346 8.91 -20.83 8.67
CA GLY A 346 8.90 -20.64 10.11
C GLY A 346 8.76 -19.21 10.62
N GLU A 347 8.39 -18.26 9.76
CA GLU A 347 8.11 -16.90 10.23
C GLU A 347 6.73 -16.89 10.89
N THR A 348 6.57 -16.07 11.93
CA THR A 348 5.29 -15.93 12.59
C THR A 348 5.07 -14.47 13.01
N GLN A 349 3.88 -14.18 13.52
CA GLN A 349 3.57 -12.83 13.99
C GLN A 349 3.96 -12.61 15.44
N PRO A 350 4.55 -11.42 15.77
CA PRO A 350 4.87 -11.13 17.17
C PRO A 350 3.60 -10.79 17.93
N MET A 351 3.59 -11.09 19.23
CA MET A 351 2.46 -10.80 20.13
C MET A 351 2.43 -9.34 20.51
N GLN A 352 3.61 -8.72 20.54
CA GLN A 352 3.74 -7.29 20.81
C GLN A 352 4.19 -6.54 19.57
N ALA A 353 3.60 -5.37 19.34
CA ALA A 353 3.87 -4.58 18.14
C ALA A 353 5.28 -4.01 18.14
N THR A 354 5.89 -3.98 16.96
CA THR A 354 7.17 -3.35 16.81
C THR A 354 6.98 -1.97 16.19
N TRP A 355 8.07 -1.22 16.04
CA TRP A 355 7.97 0.15 15.58
C TRP A 355 9.13 0.45 14.63
N ASN A 356 8.87 1.31 13.65
CA ASN A 356 9.95 1.97 12.91
C ASN A 356 9.49 3.39 12.55
N PRO A 357 10.43 4.30 12.19
CA PRO A 357 10.00 5.67 11.95
C PRO A 357 8.97 5.87 10.82
N ALA A 358 8.99 5.03 9.80
CA ALA A 358 8.06 5.11 8.68
C ALA A 358 6.67 4.49 8.95
N GLY A 359 6.57 3.62 9.96
CA GLY A 359 5.32 2.93 10.26
C GLY A 359 5.01 1.85 9.21
N TYR A 360 6.06 1.21 8.72
CA TYR A 360 5.99 0.17 7.70
C TYR A 360 5.95 -1.22 8.35
N MET A 361 5.38 -2.18 7.62
CA MET A 361 5.51 -3.62 7.95
C MET A 361 4.80 -4.12 9.19
N ARG A 362 3.82 -3.38 9.69
CA ARG A 362 3.10 -3.85 10.87
C ARG A 362 2.47 -5.23 10.61
N ASN A 363 2.63 -6.17 11.56
CA ASN A 363 2.08 -7.54 11.45
C ASN A 363 1.79 -8.19 12.83
N VAL A 364 1.57 -7.35 13.84
CA VAL A 364 1.30 -7.83 15.19
C VAL A 364 0.04 -8.73 15.21
N VAL A 365 -0.04 -9.63 16.18
CA VAL A 365 -1.23 -10.47 16.35
C VAL A 365 -2.39 -9.53 16.64
N GLU A 366 -3.43 -9.61 15.82
CA GLU A 366 -4.63 -8.82 15.97
C GLU A 366 -5.55 -9.36 17.07
N ALA A 367 -6.05 -8.46 17.91
CA ALA A 367 -7.01 -8.79 18.95
C ALA A 367 -8.38 -8.16 18.68
N THR A 368 -9.43 -8.95 18.90
CA THR A 368 -10.80 -8.50 18.68
C THR A 368 -11.68 -8.88 19.89
N ARG A 369 -12.09 -7.91 20.67
CA ARG A 369 -12.97 -8.18 21.80
C ARG A 369 -14.40 -8.43 21.32
N VAL A 370 -14.97 -9.57 21.70
CA VAL A 370 -16.38 -9.87 21.45
C VAL A 370 -17.16 -10.14 22.75
N ILE A 371 -18.48 -10.05 22.65
CA ILE A 371 -19.38 -10.26 23.78
C ILE A 371 -20.20 -11.51 23.52
N ALA A 372 -19.99 -12.55 24.31
CA ALA A 372 -20.75 -13.81 24.16
C ALA A 372 -21.95 -13.84 25.12
N ALA A 373 -23.13 -14.14 24.56
CA ALA A 373 -24.39 -14.16 25.33
C ALA A 373 -25.22 -15.42 25.10
N ALA B 1 -11.23 7.69 -30.11
CA ALA B 1 -11.02 8.60 -28.96
C ALA B 1 -10.26 7.87 -27.85
N PRO B 2 -9.48 8.64 -27.05
CA PRO B 2 -8.84 8.07 -25.85
C PRO B 2 -9.87 7.75 -24.77
N LEU B 3 -9.50 6.98 -23.77
CA LEU B 3 -10.36 6.80 -22.61
C LEU B 3 -9.97 7.87 -21.62
N THR B 4 -10.94 8.35 -20.86
CA THR B 4 -10.67 9.42 -19.89
C THR B 4 -11.27 9.04 -18.56
N TYR B 5 -10.75 9.65 -17.48
CA TYR B 5 -11.22 9.39 -16.14
C TYR B 5 -11.61 10.71 -15.46
N GLU B 6 -12.79 10.72 -14.83
CA GLU B 6 -13.34 11.91 -14.20
C GLU B 6 -13.25 11.79 -12.69
N LEU B 7 -12.37 12.61 -12.10
CA LEU B 7 -12.19 12.66 -10.65
C LEU B 7 -13.30 13.49 -10.02
N PRO B 8 -13.79 13.08 -8.84
CA PRO B 8 -14.77 13.91 -8.16
C PRO B 8 -14.15 15.19 -7.62
N ASP B 9 -15.00 16.12 -7.21
CA ASP B 9 -14.55 17.42 -6.71
C ASP B 9 -13.69 17.33 -5.43
N GLU B 10 -12.69 18.18 -5.38
CA GLU B 10 -11.81 18.31 -4.23
C GLU B 10 -12.47 19.24 -3.24
N THR B 11 -12.65 18.78 -2.00
CA THR B 11 -13.39 19.60 -1.02
C THR B 11 -12.62 19.86 0.27
N ALA B 12 -11.45 19.24 0.40
CA ALA B 12 -10.64 19.37 1.62
C ALA B 12 -10.15 20.82 1.84
N GLN B 13 -10.32 21.33 3.05
CA GLN B 13 -9.89 22.67 3.44
C GLN B 13 -9.11 22.65 4.74
N LEU B 14 -8.15 23.56 4.86
CA LEU B 14 -7.47 23.81 6.13
C LEU B 14 -8.42 24.39 7.17
N LYS B 15 -8.21 24.03 8.45
CA LYS B 15 -8.95 24.64 9.56
C LYS B 15 -8.57 26.11 9.69
N PRO B 16 -9.56 27.02 9.73
CA PRO B 16 -9.26 28.44 9.89
C PRO B 16 -8.70 28.73 11.26
N ALA B 17 -7.74 29.63 11.32
CA ALA B 17 -7.16 30.06 12.57
C ALA B 17 -6.81 31.54 12.40
N PRO B 18 -6.68 32.29 13.51
CA PRO B 18 -6.27 33.70 13.39
C PRO B 18 -4.78 33.90 13.05
N GLN B 19 -3.95 32.89 13.32
CA GLN B 19 -2.52 32.95 13.02
C GLN B 19 -2.26 33.27 11.54
N PRO B 20 -1.17 34.02 11.23
CA PRO B 20 -0.83 34.36 9.83
C PRO B 20 -0.45 33.13 8.99
N GLY B 21 0.05 32.07 9.63
CA GLY B 21 0.37 30.82 8.97
C GLY B 21 -0.82 30.14 8.32
N PHE B 22 -2.05 30.49 8.70
CA PHE B 22 -3.24 29.90 8.04
C PHE B 22 -3.30 30.33 6.57
N GLU B 23 -3.29 31.65 6.33
CA GLU B 23 -3.26 32.18 4.98
C GLU B 23 -2.05 31.68 4.21
N ALA B 24 -0.88 31.73 4.85
CA ALA B 24 0.35 31.26 4.21
C ALA B 24 0.27 29.78 3.85
N ALA B 25 -0.40 28.97 4.67
CA ALA B 25 -0.54 27.53 4.35
C ALA B 25 -1.47 27.38 3.16
N GLN B 26 -2.54 28.18 3.12
CA GLN B 26 -3.45 28.17 1.95
C GLN B 26 -2.74 28.49 0.62
N ASN B 27 -1.73 29.37 0.68
CA ASN B 27 -1.02 29.85 -0.51
C ASN B 27 0.13 28.95 -0.91
N ASN B 28 0.61 28.12 0.02
CA ASN B 28 1.80 27.29 -0.20
C ASN B 28 1.60 25.78 -0.17
N CYS B 29 0.55 25.31 0.50
CA CYS B 29 0.46 23.87 0.84
C CYS B 29 -0.52 23.04 0.01
N ALA B 30 -1.13 23.68 -0.97
CA ALA B 30 -2.11 23.03 -1.82
C ALA B 30 -1.62 22.88 -3.25
N ALA B 31 -0.42 23.40 -3.54
CA ALA B 31 0.12 23.37 -4.93
C ALA B 31 0.43 22.00 -5.51
N CYS B 32 0.86 21.04 -4.68
CA CYS B 32 1.22 19.71 -5.21
C CYS B 32 0.21 18.65 -4.86
N HIS B 33 -0.58 18.91 -3.82
CA HIS B 33 -1.50 17.91 -3.31
C HIS B 33 -2.60 18.58 -2.53
N SER B 34 -3.73 17.89 -2.40
CA SER B 34 -4.80 18.33 -1.53
C SER B 34 -4.33 18.43 -0.08
N VAL B 35 -5.08 19.20 0.71
CA VAL B 35 -4.72 19.49 2.11
C VAL B 35 -5.31 18.47 3.08
N ASP B 36 -6.07 17.50 2.56
CA ASP B 36 -6.42 16.35 3.39
C ASP B 36 -5.15 15.58 3.84
N TYR B 37 -4.04 15.73 3.13
CA TYR B 37 -2.75 15.20 3.59
C TYR B 37 -2.41 15.72 4.99
N ILE B 38 -2.72 17.00 5.22
CA ILE B 38 -2.49 17.67 6.52
C ILE B 38 -3.56 17.30 7.55
N ASN B 39 -4.83 17.32 7.12
CA ASN B 39 -6.00 17.07 7.97
C ASN B 39 -6.01 15.70 8.60
N THR B 40 -5.37 14.74 7.95
CA THR B 40 -5.43 13.33 8.34
C THR B 40 -4.20 12.89 9.12
N GLN B 41 -3.25 13.79 9.34
CA GLN B 41 -2.06 13.45 10.12
C GLN B 41 -2.45 13.14 11.58
N PRO B 42 -1.58 12.43 12.33
CA PRO B 42 -1.92 12.14 13.73
C PRO B 42 -2.12 13.46 14.51
N PRO B 43 -3.12 13.54 15.42
CA PRO B 43 -3.46 14.80 16.09
C PRO B 43 -2.55 15.13 17.27
N GLY B 44 -2.34 16.44 17.49
CA GLY B 44 -1.58 16.94 18.64
C GLY B 44 -0.12 16.53 18.63
N LYS B 45 0.48 16.39 17.45
CA LYS B 45 1.86 15.91 17.35
C LYS B 45 2.85 16.97 17.84
N GLY B 46 2.53 18.23 17.60
CA GLY B 46 3.31 19.34 18.17
C GLY B 46 4.34 19.96 17.26
N GLN B 47 5.15 20.85 17.83
CA GLN B 47 6.05 21.72 17.06
C GLN B 47 7.07 20.97 16.20
N ALA B 48 7.83 20.07 16.83
CA ALA B 48 8.88 19.31 16.13
C ALA B 48 8.37 18.52 14.92
N PHE B 49 7.26 17.81 15.08
CA PHE B 49 6.63 17.10 13.97
C PHE B 49 6.38 18.01 12.77
N TRP B 50 5.69 19.12 13.00
CA TRP B 50 5.27 19.99 11.91
C TRP B 50 6.43 20.78 11.29
N ASP B 51 7.40 21.17 12.11
CA ASP B 51 8.66 21.74 11.64
C ASP B 51 9.34 20.78 10.64
N ALA B 52 9.39 19.50 11.00
CA ALA B 52 10.00 18.50 10.15
C ALA B 52 9.17 18.28 8.87
N GLU B 53 7.85 18.22 8.99
CA GLU B 53 6.99 18.07 7.80
C GLU B 53 7.23 19.22 6.81
N VAL B 54 7.13 20.45 7.31
CA VAL B 54 7.34 21.65 6.47
C VAL B 54 8.74 21.63 5.79
N GLN B 55 9.79 21.30 6.56
CA GLN B 55 11.15 21.33 6.03
C GLN B 55 11.38 20.32 4.91
N LYS B 56 10.79 19.14 5.08
CA LYS B 56 10.80 18.04 4.14
C LYS B 56 10.14 18.47 2.82
N MET B 57 9.04 19.22 2.93
CA MET B 57 8.35 19.72 1.72
C MET B 57 9.28 20.63 0.91
N ILE B 58 10.00 21.48 1.63
CA ILE B 58 10.98 22.39 1.06
C ILE B 58 12.27 21.72 0.57
N LYS B 59 12.93 20.92 1.40
CA LYS B 59 14.28 20.38 1.06
C LYS B 59 14.27 19.17 0.12
N VAL B 60 13.22 18.37 0.19
CA VAL B 60 13.19 17.11 -0.50
C VAL B 60 12.31 17.21 -1.74
N TYR B 61 11.16 17.88 -1.59
CA TYR B 61 10.22 17.99 -2.70
C TYR B 61 10.30 19.32 -3.42
N HIS B 62 11.10 20.22 -2.86
CA HIS B 62 11.42 21.52 -3.46
C HIS B 62 10.23 22.50 -3.51
N ALA B 63 9.35 22.42 -2.49
CA ALA B 63 8.28 23.40 -2.27
C ALA B 63 8.90 24.81 -2.19
N PRO B 64 8.40 25.74 -3.01
CA PRO B 64 8.95 27.11 -3.01
C PRO B 64 8.42 27.96 -1.85
N VAL B 65 8.82 27.59 -0.62
CA VAL B 65 8.37 28.29 0.56
C VAL B 65 9.59 28.97 1.20
N ASP B 66 9.48 30.27 1.50
CA ASP B 66 10.56 30.97 2.18
C ASP B 66 10.55 30.70 3.71
N GLU B 67 11.66 31.07 4.35
CA GLU B 67 11.88 30.83 5.77
C GLU B 67 10.81 31.44 6.70
N ALA B 68 10.40 32.68 6.45
CA ALA B 68 9.40 33.32 7.31
C ALA B 68 8.03 32.59 7.23
N ASP B 69 7.64 32.20 6.01
CA ASP B 69 6.40 31.47 5.76
C ASP B 69 6.44 30.06 6.30
N ALA B 70 7.61 29.42 6.16
CA ALA B 70 7.82 28.09 6.70
C ALA B 70 7.57 28.07 8.20
N LYS B 71 8.11 29.06 8.92
CA LYS B 71 7.92 29.15 10.36
C LYS B 71 6.44 29.42 10.68
N ALA B 72 5.84 30.35 9.94
CA ALA B 72 4.45 30.73 10.14
C ALA B 72 3.51 29.52 9.92
N ILE B 73 3.73 28.79 8.84
CA ILE B 73 2.94 27.59 8.50
C ILE B 73 3.11 26.52 9.60
N ALA B 74 4.36 26.24 9.98
CA ALA B 74 4.65 25.24 10.99
C ALA B 74 4.01 25.58 12.33
N ASP B 75 4.06 26.86 12.73
CA ASP B 75 3.41 27.28 13.97
C ASP B 75 1.91 27.18 13.91
N TYR B 76 1.33 27.54 12.75
CA TYR B 76 -0.10 27.42 12.54
C TYR B 76 -0.53 25.97 12.69
N LEU B 77 0.23 25.07 12.06
CA LEU B 77 -0.09 23.64 12.07
C LEU B 77 0.04 23.03 13.47
N ALA B 78 1.14 23.33 14.17
CA ALA B 78 1.40 22.77 15.51
C ALA B 78 0.36 23.24 16.53
N LYS B 79 -0.17 24.44 16.33
CA LYS B 79 -1.19 25.04 17.17
C LYS B 79 -2.60 24.56 16.82
N THR B 80 -2.83 24.16 15.57
CA THR B 80 -4.20 23.93 15.07
C THR B 80 -4.52 22.45 14.91
N TYR B 81 -3.50 21.65 14.64
CA TYR B 81 -3.71 20.24 14.34
C TYR B 81 -3.14 19.35 15.43
N1 MSS C . 2.75 3.38 -9.62
C2 MSS C . 2.92 4.64 -10.05
N2 MSS C . 3.12 4.83 -11.36
N3 MSS C . 2.88 5.71 -9.20
C4 MSS C . 2.67 5.56 -7.88
O4 MSS C . 2.63 6.55 -7.13
N5 MSS C . 2.28 3.87 -6.04
C6 MSS C . 2.72 2.57 -5.56
C7 MSS C . 2.26 1.44 -6.52
N8 MSS C . 2.38 1.78 -7.93
C9 MSS C . 2.49 4.18 -7.34
C10 MSS C . 2.53 3.07 -8.34
C1' MSS C . 2.36 2.26 -4.13
S1' MSS C . 3.19 3.07 -2.88
C2' MSS C . 1.43 1.28 -3.86
S2' MSS C . 1.05 0.80 -2.30
C3' MSS C . 0.72 0.54 -4.98
O3' MSS C . 0.90 1.11 -6.26
C4' MSS C . -0.78 0.53 -4.74
O4' MSS C . -1.44 -0.03 -5.87
P MSS C . -3.00 0.18 -6.11
O1P MSS C . -3.32 -0.43 -7.45
O2P MSS C . -3.16 1.71 -6.07
O3P MSS C . -3.59 -0.53 -4.92
MOM1 MSS C . 2.69 1.85 -0.87
OM1 MSS C . 4.03 0.87 -0.58
FE HEC D . 3.47 18.05 0.98
CHA HEC D . 3.04 14.68 1.51
CHB HEC D . 2.36 18.65 4.20
CHC HEC D . 3.62 21.50 0.44
CHD HEC D . 5.11 17.51 -1.91
NA HEC D . 2.82 16.86 2.58
C1A HEC D . 2.70 15.48 2.57
C2A HEC D . 2.16 15.07 3.85
C3A HEC D . 1.98 16.18 4.61
C4A HEC D . 2.39 17.32 3.81
CMA HEC D . 1.43 16.28 6.06
CAA HEC D . 1.89 13.58 4.24
CBA HEC D . 3.00 13.03 5.15
CGA HEC D . 4.36 12.91 4.51
O1A HEC D . 5.29 13.61 4.96
O2A HEC D . 4.55 12.12 3.55
NB HEC D . 2.99 19.75 2.07
C1B HEC D . 2.68 19.74 3.43
C2B HEC D . 2.74 21.10 3.90
C3B HEC D . 3.09 21.90 2.88
C4B HEC D . 3.26 21.06 1.71
CMB HEC D . 2.49 21.52 5.37
CAB HEC D . 3.34 23.44 2.89
CBB HEC D . 4.73 23.71 3.50
NC HEC D . 4.29 19.33 -0.44
C1C HEC D . 4.06 20.69 -0.57
C2C HEC D . 4.40 21.07 -1.93
C3C HEC D . 4.82 19.96 -2.56
C4C HEC D . 4.75 18.84 -1.64
CMC HEC D . 4.28 22.50 -2.53
CAC HEC D . 5.30 19.83 -4.03
CBC HEC D . 6.63 20.59 -4.18
ND HEC D . 4.00 16.33 -0.05
C1D HEC D . 4.67 16.38 -1.26
C2D HEC D . 4.83 15.02 -1.75
C3D HEC D . 4.19 14.12 -0.68
C4D HEC D . 3.70 15.03 0.34
CMD HEC D . 5.50 14.57 -3.06
CAD HEC D . 4.10 12.58 -0.78
CBD HEC D . 2.65 12.21 -1.03
CBD HEC D . 4.63 11.84 0.44
CGD HEC D . 2.43 10.71 -1.02
CGD HEC D . 4.40 10.37 0.25
O1D HEC D . 3.41 9.99 -0.65
O1D HEC D . 3.23 9.92 0.29
O2D HEC D . 1.29 10.27 -1.37
O2D HEC D . 5.40 9.63 0.10
#